data_3KVO
#
_entry.id   3KVO
#
_cell.length_a   61.149
_cell.length_b   78.332
_cell.length_c   121.765
_cell.angle_alpha   90.00
_cell.angle_beta   90.00
_cell.angle_gamma   90.00
#
_symmetry.space_group_name_H-M   'P 21 21 21'
#
loop_
_entity.id
_entity.type
_entity.pdbx_description
1 polymer 'Hydroxysteroid dehydrogenase-like protein 2'
2 non-polymer 'NADP NICOTINAMIDE-ADENINE-DINUCLEOTIDE PHOSPHATE'
3 water water
#
_entity_poly.entity_id   1
_entity_poly.type   'polypeptide(L)'
_entity_poly.pdbx_seq_one_letter_code
;MGSSHHHHHHSSGLVPRGSHMASMTGGQQMGRGSAMLPNTGRLAGCTVFITGASRGIGKAIALKAAKDGANIVIAAKTAQ
PHPKLLGTIYTAAEEIEAVGGKALPCIVDVRDEQQISAAVEKAIKKFGGIDILVNNASAISLTNTLDTPTKRLDLMMNVN
TRGTYLASKACIPYLKKSKVAHILNISPPLNLNPVWFKQHCAYTIAKYGMSMYVLGMAEEFKGEIAVNALWPKTAIHTAA
MDMLGGPGIESQCRKVDIIADAAYSIFQKPKSFTGNFVIDENILKEEGIENFDVYAIKPGHPLQPDFFLDEYPEAVSKKV
ESTGAVPELACGRTRAPPPPPLRSGC
;
_entity_poly.pdbx_strand_id   A,B
#
loop_
_chem_comp.id
_chem_comp.type
_chem_comp.name
_chem_comp.formula
NAP non-polymer 'NADP NICOTINAMIDE-ADENINE-DINUCLEOTIDE PHOSPHATE' 'C21 H28 N7 O17 P3'
#
# COMPACT_ATOMS: atom_id res chain seq x y z
N MET A 36 29.99 -21.73 -4.51
CA MET A 36 28.90 -21.01 -3.80
C MET A 36 29.43 -20.26 -2.56
N LEU A 37 28.53 -19.64 -1.81
CA LEU A 37 28.86 -18.81 -0.63
C LEU A 37 28.74 -19.66 0.64
N PRO A 38 29.88 -19.92 1.31
CA PRO A 38 29.92 -20.92 2.37
C PRO A 38 29.23 -20.51 3.66
N ASN A 39 28.69 -21.48 4.39
CA ASN A 39 28.13 -21.26 5.72
C ASN A 39 29.24 -20.90 6.68
N THR A 40 28.85 -20.37 7.83
CA THR A 40 29.81 -19.71 8.67
C THR A 40 29.75 -20.06 10.15
N GLY A 41 28.59 -20.53 10.62
CA GLY A 41 28.39 -20.81 12.03
C GLY A 41 27.66 -19.69 12.76
N ARG A 42 27.70 -18.49 12.21
CA ARG A 42 27.09 -17.33 12.85
C ARG A 42 25.73 -17.63 13.47
N LEU A 43 24.91 -18.43 12.78
CA LEU A 43 23.53 -18.63 13.21
C LEU A 43 23.30 -19.83 14.15
N ALA A 44 24.35 -20.45 14.66
CA ALA A 44 24.19 -21.57 15.60
C ALA A 44 23.27 -21.20 16.76
N GLY A 45 22.23 -21.98 16.99
CA GLY A 45 21.29 -21.71 18.10
C GLY A 45 20.44 -20.45 17.93
N CYS A 46 20.52 -19.79 16.77
CA CYS A 46 19.66 -18.65 16.51
C CYS A 46 18.35 -19.10 15.93
N THR A 47 17.26 -18.47 16.36
CA THR A 47 15.93 -18.85 15.93
C THR A 47 15.42 -17.97 14.77
N VAL A 48 15.04 -18.61 13.67
CA VAL A 48 14.63 -17.93 12.46
C VAL A 48 13.19 -18.28 12.12
N PHE A 49 12.35 -17.27 12.15
CA PHE A 49 10.91 -17.39 11.93
C PHE A 49 10.66 -16.92 10.50
N ILE A 50 10.17 -17.81 9.65
CA ILE A 50 10.12 -17.54 8.22
C ILE A 50 8.72 -17.82 7.76
N THR A 51 8.05 -16.81 7.20
CA THR A 51 6.72 -17.01 6.68
C THR A 51 6.87 -17.60 5.29
N GLY A 52 6.12 -18.64 4.99
CA GLY A 52 6.25 -19.27 3.70
C GLY A 52 7.42 -20.20 3.52
N ALA A 53 7.73 -20.98 4.56
CA ALA A 53 8.91 -21.85 4.53
C ALA A 53 8.51 -23.27 4.21
N SER A 54 7.32 -23.47 3.65
CA SER A 54 6.88 -24.81 3.28
C SER A 54 7.51 -25.27 1.97
N ARG A 55 7.87 -24.31 1.11
CA ARG A 55 8.49 -24.57 -0.19
C ARG A 55 9.15 -23.29 -0.76
N GLY A 56 9.79 -23.45 -1.91
CA GLY A 56 10.37 -22.35 -2.65
C GLY A 56 11.49 -21.59 -1.95
N ILE A 57 11.47 -20.27 -2.14
CA ILE A 57 12.51 -19.41 -1.62
C ILE A 57 12.53 -19.47 -0.10
N GLY A 58 11.37 -19.43 0.55
CA GLY A 58 11.33 -19.49 2.01
C GLY A 58 12.01 -20.72 2.58
N LYS A 59 11.64 -21.86 2.03
CA LYS A 59 12.25 -23.11 2.43
C LYS A 59 13.76 -23.06 2.21
N ALA A 60 14.17 -22.47 1.08
CA ALA A 60 15.58 -22.49 0.70
C ALA A 60 16.40 -21.60 1.63
N ILE A 61 15.79 -20.53 2.13
CA ILE A 61 16.44 -19.67 3.11
C ILE A 61 16.61 -20.42 4.44
N ALA A 62 15.54 -21.10 4.88
CA ALA A 62 15.56 -22.00 6.03
C ALA A 62 16.72 -23.01 5.97
N LEU A 63 16.92 -23.62 4.81
CA LEU A 63 17.91 -24.66 4.65
C LEU A 63 19.32 -24.14 4.79
N LYS A 64 19.60 -22.93 4.27
CA LYS A 64 20.91 -22.26 4.44
C LYS A 64 21.17 -21.88 5.90
N ALA A 65 20.20 -21.27 6.55
CA ALA A 65 20.32 -20.95 7.97
C ALA A 65 20.45 -22.24 8.79
N ALA A 66 19.68 -23.25 8.40
CA ALA A 66 19.72 -24.57 9.03
C ALA A 66 21.11 -25.19 9.13
N LYS A 67 21.94 -25.00 8.11
CA LYS A 67 23.28 -25.59 8.10
C LYS A 67 24.23 -25.02 9.16
N ASP A 68 23.82 -23.96 9.84
CA ASP A 68 24.60 -23.45 10.97
C ASP A 68 24.10 -24.08 12.28
N GLY A 69 23.12 -24.97 12.23
CA GLY A 69 22.46 -25.44 13.45
C GLY A 69 21.48 -24.40 14.02
N ALA A 70 20.83 -23.65 13.14
CA ALA A 70 19.80 -22.69 13.55
C ALA A 70 18.53 -23.45 13.83
N ASN A 71 17.61 -22.77 14.53
CA ASN A 71 16.29 -23.26 14.82
C ASN A 71 15.33 -22.56 13.86
N ILE A 72 14.54 -23.30 13.08
CA ILE A 72 13.71 -22.66 12.05
C ILE A 72 12.24 -22.79 12.41
N VAL A 73 11.55 -21.66 12.62
CA VAL A 73 10.11 -21.69 12.84
C VAL A 73 9.45 -21.57 11.48
N ILE A 74 8.82 -22.66 11.04
CA ILE A 74 8.16 -22.73 9.72
C ILE A 74 6.70 -22.30 9.81
N ALA A 75 6.40 -21.09 9.34
CA ALA A 75 5.08 -20.50 9.39
C ALA A 75 4.45 -20.47 7.99
N ALA A 76 3.57 -21.43 7.73
CA ALA A 76 2.83 -21.52 6.46
C ALA A 76 1.52 -22.33 6.64
N LYS A 77 0.73 -22.46 5.56
CA LYS A 77 -0.64 -22.99 5.65
C LYS A 77 -0.75 -24.50 5.44
N THR A 78 0.20 -25.07 4.70
CA THR A 78 0.07 -26.44 4.20
C THR A 78 0.45 -27.48 5.28
N ALA A 79 -0.59 -28.02 5.93
CA ALA A 79 -0.45 -29.00 7.01
C ALA A 79 -0.78 -30.42 6.55
N GLN A 80 -1.46 -30.52 5.41
CA GLN A 80 -1.84 -31.79 4.81
C GLN A 80 -1.47 -31.78 3.33
N PRO A 81 -1.07 -32.94 2.78
CA PRO A 81 -0.89 -33.06 1.34
C PRO A 81 -2.07 -32.48 0.55
N HIS A 82 -1.78 -31.55 -0.35
CA HIS A 82 -2.75 -30.99 -1.27
C HIS A 82 -2.42 -31.57 -2.62
N PRO A 83 -3.43 -31.78 -3.47
CA PRO A 83 -3.13 -32.49 -4.72
C PRO A 83 -2.25 -31.64 -5.65
N LYS A 84 -2.35 -30.32 -5.53
CA LYS A 84 -1.75 -29.41 -6.49
C LYS A 84 -0.41 -28.81 -6.02
N LEU A 85 -0.21 -28.64 -4.70
CA LEU A 85 1.08 -28.15 -4.17
C LEU A 85 2.02 -29.29 -3.78
N LEU A 86 3.33 -29.06 -3.86
CA LEU A 86 4.32 -30.04 -3.41
C LEU A 86 4.91 -29.62 -2.08
N GLY A 87 4.84 -30.52 -1.10
CA GLY A 87 5.45 -30.30 0.20
C GLY A 87 4.49 -29.73 1.24
N THR A 88 4.74 -30.05 2.50
CA THR A 88 4.00 -29.49 3.62
C THR A 88 4.99 -28.88 4.62
N ILE A 89 4.48 -28.33 5.69
CA ILE A 89 5.33 -27.83 6.75
C ILE A 89 6.17 -28.98 7.37
N TYR A 90 5.62 -30.20 7.34
CA TYR A 90 6.26 -31.35 7.94
C TYR A 90 7.41 -31.92 7.09
N THR A 91 7.24 -31.98 5.76
CA THR A 91 8.38 -32.38 4.90
C THR A 91 9.51 -31.33 4.93
N ALA A 92 9.14 -30.04 4.88
CA ALA A 92 10.12 -28.97 5.11
C ALA A 92 10.86 -29.18 6.43
N ALA A 93 10.14 -29.47 7.51
CA ALA A 93 10.77 -29.70 8.82
C ALA A 93 11.81 -30.83 8.76
N GLU A 94 11.49 -31.87 7.99
CA GLU A 94 12.37 -33.00 7.84
C GLU A 94 13.64 -32.59 7.12
N GLU A 95 13.48 -31.88 6.00
CA GLU A 95 14.59 -31.42 5.21
C GLU A 95 15.52 -30.57 6.05
N ILE A 96 14.91 -29.75 6.88
CA ILE A 96 15.63 -28.83 7.73
C ILE A 96 16.47 -29.56 8.76
N GLU A 97 15.95 -30.66 9.30
CA GLU A 97 16.70 -31.47 10.26
C GLU A 97 17.83 -32.27 9.59
N ALA A 98 17.61 -32.68 8.36
CA ALA A 98 18.57 -33.52 7.63
C ALA A 98 19.87 -32.77 7.27
N VAL A 99 19.82 -31.45 7.25
N VAL A 99 19.83 -31.44 7.23
CA VAL A 99 21.01 -30.62 7.02
CA VAL A 99 21.03 -30.62 7.02
C VAL A 99 21.48 -29.84 8.27
C VAL A 99 21.64 -30.05 8.31
N GLY A 100 20.96 -30.20 9.45
CA GLY A 100 21.54 -29.78 10.75
C GLY A 100 20.74 -28.88 11.69
N GLY A 101 19.58 -28.41 11.26
CA GLY A 101 18.78 -27.51 12.08
C GLY A 101 17.74 -28.20 12.94
N LYS A 102 17.08 -27.42 13.78
CA LYS A 102 15.87 -27.88 14.44
C LYS A 102 14.70 -27.12 13.84
N ALA A 103 13.59 -27.79 13.65
CA ALA A 103 12.44 -27.20 12.98
C ALA A 103 11.21 -27.30 13.88
N LEU A 104 10.46 -26.23 13.91
CA LEU A 104 9.21 -26.14 14.61
C LEU A 104 8.18 -25.78 13.52
N PRO A 105 7.44 -26.78 13.05
CA PRO A 105 6.40 -26.56 12.08
C PRO A 105 5.14 -25.97 12.73
N CYS A 106 4.69 -24.84 12.23
CA CYS A 106 3.46 -24.25 12.70
C CYS A 106 2.53 -23.96 11.52
N ILE A 107 1.25 -24.22 11.73
CA ILE A 107 0.21 -23.89 10.77
C ILE A 107 -0.06 -22.40 10.92
N VAL A 108 0.22 -21.63 9.90
CA VAL A 108 0.01 -20.19 9.98
C VAL A 108 -0.47 -19.64 8.66
N ASP A 109 -1.70 -19.13 8.65
CA ASP A 109 -2.15 -18.24 7.59
C ASP A 109 -1.95 -16.80 8.10
N VAL A 110 -1.02 -16.06 7.46
CA VAL A 110 -0.64 -14.72 7.95
C VAL A 110 -1.75 -13.70 7.86
N ARG A 111 -2.84 -14.06 7.19
CA ARG A 111 -4.08 -13.26 7.20
C ARG A 111 -4.79 -13.27 8.54
N ASP A 112 -4.50 -14.27 9.37
CA ASP A 112 -5.11 -14.42 10.66
C ASP A 112 -4.09 -14.11 11.75
N GLU A 113 -4.29 -12.97 12.43
CA GLU A 113 -3.37 -12.51 13.46
C GLU A 113 -3.22 -13.53 14.60
N GLN A 114 -4.32 -14.19 14.97
CA GLN A 114 -4.29 -15.16 16.05
C GLN A 114 -3.33 -16.32 15.76
N GLN A 115 -3.30 -16.80 14.54
CA GLN A 115 -2.39 -17.88 14.16
C GLN A 115 -0.94 -17.40 14.16
N ILE A 116 -0.70 -16.16 13.74
CA ILE A 116 0.62 -15.57 13.85
C ILE A 116 1.09 -15.54 15.32
N SER A 117 0.25 -15.07 16.23
CA SER A 117 0.71 -14.87 17.59
C SER A 117 0.84 -16.20 18.31
N ALA A 118 0.01 -17.18 17.96
CA ALA A 118 0.12 -18.52 18.51
C ALA A 118 1.43 -19.18 18.10
N ALA A 119 1.85 -19.00 16.85
CA ALA A 119 3.14 -19.60 16.42
C ALA A 119 4.31 -18.91 17.11
N VAL A 120 4.24 -17.59 17.24
CA VAL A 120 5.22 -16.81 18.00
C VAL A 120 5.35 -17.32 19.44
N GLU A 121 4.22 -17.58 20.08
CA GLU A 121 4.24 -18.13 21.43
C GLU A 121 4.86 -19.54 21.46
N LYS A 122 4.57 -20.34 20.45
CA LYS A 122 5.10 -21.70 20.34
C LYS A 122 6.63 -21.61 20.18
N ALA A 123 7.09 -20.65 19.38
CA ALA A 123 8.52 -20.45 19.17
C ALA A 123 9.23 -20.09 20.49
N ILE A 124 8.62 -19.22 21.29
CA ILE A 124 9.23 -18.76 22.53
C ILE A 124 9.24 -19.85 23.60
N LYS A 125 8.10 -20.49 23.81
CA LYS A 125 8.01 -21.65 24.69
C LYS A 125 9.09 -22.68 24.33
N LYS A 126 9.19 -23.00 23.04
CA LYS A 126 10.16 -23.99 22.59
C LYS A 126 11.62 -23.50 22.59
N PHE A 127 11.89 -22.35 21.97
CA PHE A 127 13.28 -21.89 21.74
C PHE A 127 13.78 -20.74 22.62
N GLY A 128 12.89 -20.03 23.29
CA GLY A 128 13.32 -18.95 24.19
C GLY A 128 13.34 -17.56 23.57
N GLY A 129 13.29 -17.48 22.24
CA GLY A 129 13.37 -16.20 21.56
C GLY A 129 13.25 -16.31 20.05
N ILE A 130 13.23 -15.16 19.40
CA ILE A 130 13.27 -15.02 17.93
C ILE A 130 14.38 -14.03 17.57
N ASP A 131 15.31 -14.43 16.70
CA ASP A 131 16.46 -13.60 16.31
C ASP A 131 16.38 -13.03 14.91
N ILE A 132 15.59 -13.65 14.05
CA ILE A 132 15.40 -13.22 12.67
C ILE A 132 13.95 -13.52 12.26
N LEU A 133 13.31 -12.55 11.60
CA LEU A 133 12.02 -12.78 10.92
C LEU A 133 12.22 -12.54 9.43
N VAL A 134 11.75 -13.47 8.61
CA VAL A 134 11.77 -13.30 7.16
C VAL A 134 10.33 -13.26 6.68
N ASN A 135 9.89 -12.10 6.19
CA ASN A 135 8.58 -11.96 5.65
C ASN A 135 8.62 -12.34 4.20
N ASN A 136 8.36 -13.63 3.95
CA ASN A 136 8.47 -14.23 2.65
C ASN A 136 7.12 -14.67 2.03
N ALA A 137 6.11 -14.92 2.86
CA ALA A 137 4.80 -15.30 2.37
C ALA A 137 4.31 -14.23 1.41
N SER A 138 3.77 -14.64 0.26
CA SER A 138 3.10 -13.72 -0.63
C SER A 138 2.11 -14.40 -1.61
N ALA A 139 1.19 -13.61 -2.15
CA ALA A 139 0.22 -14.05 -3.12
C ALA A 139 0.31 -13.09 -4.29
N ILE A 140 -0.02 -13.59 -5.48
CA ILE A 140 0.21 -12.84 -6.69
C ILE A 140 -0.97 -13.03 -7.58
N SER A 141 -1.35 -11.96 -8.24
CA SER A 141 -2.30 -12.07 -9.35
C SER A 141 -1.98 -10.90 -10.26
N LEU A 142 -1.63 -11.21 -11.52
CA LEU A 142 -1.19 -10.21 -12.50
C LEU A 142 -2.34 -9.62 -13.32
N THR A 143 -3.52 -9.52 -12.73
CA THR A 143 -4.67 -8.93 -13.43
C THR A 143 -4.65 -7.41 -13.27
N ASN A 144 -5.50 -6.73 -14.02
CA ASN A 144 -5.52 -5.27 -14.00
C ASN A 144 -6.84 -4.78 -13.39
N THR A 145 -7.25 -3.54 -13.65
CA THR A 145 -8.25 -2.94 -12.79
C THR A 145 -9.60 -3.64 -12.91
N LEU A 146 -10.07 -3.83 -14.15
CA LEU A 146 -11.36 -4.48 -14.36
C LEU A 146 -11.28 -6.01 -14.25
N ASP A 147 -10.07 -6.56 -14.41
CA ASP A 147 -9.86 -8.01 -14.35
C ASP A 147 -9.76 -8.62 -12.98
N THR A 148 -9.29 -7.85 -11.99
CA THR A 148 -8.96 -8.40 -10.68
C THR A 148 -10.20 -8.59 -9.82
N PRO A 149 -10.55 -9.86 -9.53
CA PRO A 149 -11.66 -10.05 -8.63
C PRO A 149 -11.31 -9.57 -7.23
N THR A 150 -12.28 -8.96 -6.57
CA THR A 150 -12.09 -8.43 -5.22
C THR A 150 -11.43 -9.43 -4.28
N LYS A 151 -11.80 -10.70 -4.36
CA LYS A 151 -11.22 -11.70 -3.48
C LYS A 151 -9.70 -11.86 -3.72
N ARG A 152 -9.25 -11.67 -4.96
CA ARG A 152 -7.81 -11.64 -5.26
C ARG A 152 -7.14 -10.35 -4.77
N LEU A 153 -7.82 -9.20 -4.91
CA LEU A 153 -7.30 -7.94 -4.37
C LEU A 153 -7.02 -8.08 -2.89
N ASP A 154 -8.05 -8.46 -2.15
CA ASP A 154 -7.96 -8.68 -0.73
C ASP A 154 -6.85 -9.68 -0.41
N LEU A 155 -6.76 -10.73 -1.20
CA LEU A 155 -5.74 -11.77 -0.93
C LEU A 155 -4.35 -11.18 -1.03
N MET A 156 -4.11 -10.35 -2.03
CA MET A 156 -2.81 -9.71 -2.18
C MET A 156 -2.51 -8.72 -1.08
N MET A 157 -3.45 -7.84 -0.76
N MET A 157 -3.48 -7.85 -0.79
N MET A 157 -3.46 -7.84 -0.77
CA MET A 157 -3.21 -6.86 0.29
CA MET A 157 -3.37 -6.85 0.28
CA MET A 157 -3.23 -6.86 0.28
C MET A 157 -3.12 -7.51 1.67
C MET A 157 -3.13 -7.53 1.63
C MET A 157 -3.12 -7.51 1.65
N ASN A 158 -3.83 -8.62 1.87
CA ASN A 158 -3.87 -9.25 3.18
C ASN A 158 -2.76 -10.26 3.45
N VAL A 159 -2.29 -10.96 2.43
CA VAL A 159 -1.18 -11.85 2.65
C VAL A 159 0.11 -11.06 2.64
N ASN A 160 0.26 -10.12 1.69
CA ASN A 160 1.55 -9.47 1.43
C ASN A 160 1.79 -8.31 2.40
N THR A 161 0.97 -7.26 2.32
CA THR A 161 1.22 -6.04 3.09
C THR A 161 0.80 -6.24 4.54
N ARG A 162 -0.44 -6.63 4.74
CA ARG A 162 -0.98 -6.85 6.08
C ARG A 162 -0.22 -7.97 6.80
N GLY A 163 -0.02 -9.11 6.15
CA GLY A 163 0.72 -10.22 6.77
C GLY A 163 2.09 -9.80 7.27
N THR A 164 2.84 -9.08 6.44
CA THR A 164 4.19 -8.63 6.78
C THR A 164 4.15 -7.68 8.01
N TYR A 165 3.16 -6.81 8.06
CA TYR A 165 3.00 -5.93 9.21
C TYR A 165 2.75 -6.74 10.48
N LEU A 166 1.77 -7.63 10.45
CA LEU A 166 1.39 -8.34 11.67
C LEU A 166 2.48 -9.29 12.15
N ALA A 167 3.08 -10.00 11.22
CA ALA A 167 4.19 -10.87 11.55
C ALA A 167 5.30 -10.04 12.18
N SER A 168 5.52 -8.84 11.65
CA SER A 168 6.56 -7.94 12.20
C SER A 168 6.18 -7.45 13.60
N LYS A 169 4.92 -7.07 13.77
CA LYS A 169 4.44 -6.55 15.06
C LYS A 169 4.56 -7.60 16.17
N ALA A 170 4.19 -8.85 15.87
CA ALA A 170 4.33 -9.94 16.84
C ALA A 170 5.77 -10.28 17.25
N CYS A 171 6.68 -10.28 16.29
CA CYS A 171 8.09 -10.68 16.50
C CYS A 171 8.96 -9.58 17.10
N ILE A 172 8.68 -8.31 16.75
CA ILE A 172 9.50 -7.17 17.19
C ILE A 172 9.90 -7.20 18.70
N PRO A 173 8.95 -7.41 19.60
CA PRO A 173 9.31 -7.28 21.02
C PRO A 173 10.35 -8.32 21.43
N TYR A 174 10.43 -9.41 20.67
CA TYR A 174 11.45 -10.45 20.91
C TYR A 174 12.73 -10.17 20.14
N LEU A 175 12.60 -9.59 18.95
CA LEU A 175 13.76 -9.19 18.15
C LEU A 175 14.59 -8.17 18.93
N LYS A 176 13.92 -7.32 19.70
CA LYS A 176 14.63 -6.32 20.47
C LYS A 176 15.69 -6.95 21.39
N LYS A 177 15.41 -8.14 21.90
CA LYS A 177 16.30 -8.84 22.81
C LYS A 177 17.38 -9.70 22.13
N SER A 178 17.39 -9.77 20.80
CA SER A 178 18.28 -10.69 20.08
C SER A 178 19.67 -10.08 19.87
N LYS A 179 20.70 -10.92 19.84
CA LYS A 179 22.05 -10.47 19.51
C LYS A 179 22.18 -10.26 18.00
N VAL A 180 21.17 -10.69 17.24
CA VAL A 180 21.17 -10.59 15.78
C VAL A 180 20.13 -9.51 15.35
N ALA A 181 18.87 -9.73 15.69
CA ALA A 181 17.76 -8.78 15.46
C ALA A 181 17.61 -8.26 14.04
N HIS A 182 17.28 -9.17 13.12
CA HIS A 182 17.01 -8.83 11.71
C HIS A 182 15.59 -9.14 11.27
N ILE A 183 14.95 -8.17 10.59
CA ILE A 183 13.73 -8.40 9.82
C ILE A 183 14.09 -8.30 8.32
N LEU A 184 13.70 -9.30 7.54
CA LEU A 184 13.98 -9.29 6.11
C LEU A 184 12.73 -9.54 5.30
N ASN A 185 12.30 -8.54 4.55
CA ASN A 185 11.18 -8.67 3.68
C ASN A 185 11.61 -9.06 2.27
N ILE A 186 11.01 -10.10 1.71
CA ILE A 186 11.22 -10.41 0.30
C ILE A 186 10.31 -9.48 -0.54
N SER A 187 10.85 -8.32 -0.89
CA SER A 187 10.11 -7.30 -1.60
C SER A 187 11.10 -6.35 -2.27
N PRO A 188 10.65 -5.58 -3.26
CA PRO A 188 11.60 -4.90 -4.14
C PRO A 188 11.94 -3.47 -3.72
N PRO A 189 12.96 -2.91 -4.35
CA PRO A 189 13.16 -1.46 -4.28
C PRO A 189 11.94 -0.71 -4.81
N LEU A 190 11.66 0.44 -4.17
CA LEU A 190 10.51 1.28 -4.49
C LEU A 190 10.75 2.06 -5.79
N ASN A 191 10.62 1.36 -6.91
CA ASN A 191 10.88 1.93 -8.23
C ASN A 191 9.59 2.50 -8.79
N LEU A 192 9.49 3.82 -8.86
CA LEU A 192 8.19 4.44 -9.11
C LEU A 192 7.95 4.75 -10.59
N ASN A 193 8.63 4.03 -11.49
CA ASN A 193 8.37 4.12 -12.92
C ASN A 193 6.95 3.59 -13.21
N PRO A 194 6.12 4.39 -13.87
CA PRO A 194 4.75 3.97 -14.18
C PRO A 194 4.62 2.60 -14.86
N VAL A 195 5.68 2.15 -15.53
CA VAL A 195 5.66 0.87 -16.23
C VAL A 195 5.36 -0.35 -15.35
N TRP A 196 5.73 -0.27 -14.09
CA TRP A 196 5.48 -1.34 -13.12
C TRP A 196 4.09 -1.28 -12.51
N PHE A 197 3.36 -0.22 -12.84
CA PHE A 197 2.01 -0.03 -12.31
C PHE A 197 0.94 -0.15 -13.38
N LYS A 198 1.31 0.12 -14.64
CA LYS A 198 0.40 0.09 -15.76
C LYS A 198 -0.33 -1.24 -15.83
N GLN A 199 0.38 -2.30 -15.49
CA GLN A 199 -0.17 -3.64 -15.40
C GLN A 199 0.01 -4.20 -13.98
N HIS A 200 -0.87 -5.12 -13.58
CA HIS A 200 -0.83 -5.73 -12.27
C HIS A 200 -0.55 -4.70 -11.16
N CYS A 201 -1.27 -3.59 -11.21
CA CYS A 201 -1.14 -2.56 -10.22
C CYS A 201 -1.38 -3.06 -8.79
N ALA A 202 -2.44 -3.83 -8.63
CA ALA A 202 -2.79 -4.34 -7.31
C ALA A 202 -1.58 -5.12 -6.75
N TYR A 203 -0.94 -5.94 -7.58
CA TYR A 203 0.16 -6.75 -7.10
C TYR A 203 1.34 -5.88 -6.73
N THR A 204 1.57 -4.82 -7.51
CA THR A 204 2.68 -3.88 -7.25
C THR A 204 2.48 -3.16 -5.93
N ILE A 205 1.30 -2.60 -5.72
CA ILE A 205 1.01 -1.93 -4.46
C ILE A 205 1.24 -2.89 -3.28
N ALA A 206 0.71 -4.13 -3.39
CA ALA A 206 0.83 -5.11 -2.31
C ALA A 206 2.30 -5.37 -1.97
N LYS A 207 3.13 -5.64 -2.98
CA LYS A 207 4.55 -5.82 -2.74
C LYS A 207 5.24 -4.52 -2.24
N TYR A 208 5.01 -3.41 -2.94
CA TYR A 208 5.60 -2.12 -2.53
C TYR A 208 5.29 -1.75 -1.06
N GLY A 209 4.14 -2.20 -0.56
CA GLY A 209 3.76 -1.96 0.85
C GLY A 209 4.71 -2.65 1.81
N MET A 210 5.23 -3.82 1.43
CA MET A 210 6.17 -4.53 2.26
C MET A 210 7.50 -3.74 2.32
N SER A 211 7.89 -3.17 1.19
CA SER A 211 9.11 -2.39 1.14
C SER A 211 8.93 -1.04 1.86
N MET A 212 7.72 -0.50 1.90
CA MET A 212 7.48 0.76 2.59
C MET A 212 7.54 0.54 4.09
N TYR A 213 7.15 -0.64 4.57
CA TYR A 213 7.35 -0.96 5.98
C TYR A 213 8.83 -1.04 6.37
N VAL A 214 9.68 -1.43 5.42
CA VAL A 214 11.11 -1.43 5.61
C VAL A 214 11.56 0.01 5.85
N LEU A 215 11.14 0.91 4.96
CA LEU A 215 11.52 2.32 5.06
C LEU A 215 11.20 2.85 6.43
N GLY A 216 9.98 2.57 6.89
CA GLY A 216 9.50 3.09 8.20
C GLY A 216 10.16 2.39 9.40
N MET A 217 10.11 1.06 9.40
CA MET A 217 10.57 0.30 10.55
C MET A 217 12.08 0.34 10.79
N ALA A 218 12.86 0.43 9.71
CA ALA A 218 14.28 0.65 9.82
C ALA A 218 14.51 1.90 10.66
N GLU A 219 13.81 2.98 10.37
CA GLU A 219 13.99 4.21 11.15
C GLU A 219 13.45 4.05 12.57
N GLU A 220 12.26 3.47 12.70
CA GLU A 220 11.59 3.30 14.01
C GLU A 220 12.41 2.48 15.01
N PHE A 221 13.15 1.52 14.49
CA PHE A 221 13.88 0.59 15.33
C PHE A 221 15.40 0.69 15.13
N LYS A 222 15.86 1.89 14.78
CA LYS A 222 17.28 2.09 14.52
C LYS A 222 18.06 1.77 15.80
N GLY A 223 19.11 0.97 15.64
CA GLY A 223 19.89 0.56 16.78
C GLY A 223 19.35 -0.67 17.51
N GLU A 224 18.11 -1.08 17.23
CA GLU A 224 17.50 -2.23 17.91
C GLU A 224 17.23 -3.39 16.93
N ILE A 225 16.62 -3.08 15.78
CA ILE A 225 16.35 -4.12 14.79
C ILE A 225 16.81 -3.65 13.43
N ALA A 226 17.64 -4.45 12.79
CA ALA A 226 17.95 -4.23 11.40
C ALA A 226 16.71 -4.64 10.62
N VAL A 227 16.34 -3.83 9.63
CA VAL A 227 15.20 -4.10 8.76
C VAL A 227 15.58 -3.76 7.34
N ASN A 228 15.40 -4.71 6.44
CA ASN A 228 15.94 -4.61 5.09
C ASN A 228 15.07 -5.44 4.17
N ALA A 229 15.11 -5.14 2.89
CA ALA A 229 14.47 -5.94 1.85
C ALA A 229 15.52 -6.68 1.00
N LEU A 230 15.08 -7.81 0.43
CA LEU A 230 15.88 -8.63 -0.48
C LEU A 230 14.94 -8.99 -1.64
N TRP A 231 15.49 -8.94 -2.83
CA TRP A 231 14.73 -9.14 -4.07
C TRP A 231 15.67 -9.72 -5.11
N PRO A 232 15.18 -10.65 -5.94
CA PRO A 232 16.11 -11.29 -6.90
C PRO A 232 16.27 -10.58 -8.23
N LYS A 233 17.50 -10.38 -8.66
CA LYS A 233 17.79 -9.80 -9.97
C LYS A 233 17.02 -10.44 -11.13
N THR A 234 16.83 -11.75 -11.04
CA THR A 234 16.23 -12.54 -12.10
C THR A 234 15.11 -13.43 -11.55
N ALA A 235 14.43 -14.12 -12.47
CA ALA A 235 13.41 -15.07 -12.10
C ALA A 235 14.06 -16.26 -11.40
N ILE A 236 13.36 -16.81 -10.42
CA ILE A 236 13.89 -17.89 -9.59
C ILE A 236 13.00 -19.12 -9.70
N HIS A 237 13.60 -20.25 -10.09
CA HIS A 237 12.89 -21.51 -10.35
C HIS A 237 12.20 -22.08 -9.13
N THR A 238 10.89 -22.24 -9.27
CA THR A 238 9.97 -22.43 -8.16
C THR A 238 8.67 -22.93 -8.79
N ALA A 239 8.01 -23.87 -8.13
CA ALA A 239 6.85 -24.52 -8.75
C ALA A 239 5.73 -23.48 -8.95
N ALA A 240 5.72 -22.47 -8.09
CA ALA A 240 4.87 -21.29 -8.28
C ALA A 240 5.30 -20.43 -9.49
N MET A 241 6.62 -20.21 -9.67
CA MET A 241 7.09 -19.49 -10.87
C MET A 241 6.92 -20.30 -12.16
N ASP A 242 7.03 -21.62 -12.06
CA ASP A 242 6.76 -22.52 -13.21
C ASP A 242 5.30 -22.40 -13.66
N MET A 243 4.37 -22.33 -12.69
CA MET A 243 2.94 -22.21 -13.00
C MET A 243 2.64 -20.84 -13.63
N LEU A 244 3.30 -19.81 -13.12
CA LEU A 244 3.19 -18.45 -13.66
C LEU A 244 3.85 -18.28 -15.04
N GLY A 245 4.97 -18.97 -15.27
CA GLY A 245 5.75 -18.82 -16.51
C GLY A 245 5.15 -19.55 -17.70
N GLY A 248 8.62 -24.15 -20.01
CA GLY A 248 9.33 -23.22 -20.89
C GLY A 248 10.18 -22.20 -20.14
N ILE A 249 9.65 -21.69 -19.02
CA ILE A 249 10.33 -20.72 -18.16
C ILE A 249 11.46 -21.34 -17.30
N GLU A 250 11.41 -22.65 -17.11
CA GLU A 250 12.39 -23.39 -16.30
C GLU A 250 13.86 -23.00 -16.61
N SER A 251 14.21 -23.00 -17.89
CA SER A 251 15.59 -22.77 -18.32
C SER A 251 16.04 -21.29 -18.25
N GLN A 252 15.09 -20.38 -18.03
CA GLN A 252 15.39 -18.95 -17.97
C GLN A 252 15.56 -18.44 -16.53
N CYS A 253 15.70 -19.35 -15.57
CA CYS A 253 15.69 -19.00 -14.16
C CYS A 253 17.02 -19.27 -13.46
N ARG A 254 17.17 -18.67 -12.28
CA ARG A 254 18.22 -19.07 -11.35
C ARG A 254 17.71 -20.06 -10.30
N LYS A 255 18.61 -20.67 -9.56
CA LYS A 255 18.24 -21.61 -8.51
C LYS A 255 17.83 -20.82 -7.24
N VAL A 256 16.93 -21.36 -6.45
CA VAL A 256 16.56 -20.75 -5.17
C VAL A 256 17.80 -20.54 -4.29
N ASP A 257 18.84 -21.33 -4.55
CA ASP A 257 20.14 -21.18 -3.87
C ASP A 257 20.64 -19.73 -3.83
N ILE A 258 20.39 -18.93 -4.87
CA ILE A 258 20.94 -17.57 -4.95
C ILE A 258 20.36 -16.64 -3.92
N ILE A 259 19.04 -16.67 -3.79
CA ILE A 259 18.35 -15.86 -2.79
C ILE A 259 18.67 -16.36 -1.38
N ALA A 260 18.63 -17.68 -1.19
CA ALA A 260 19.02 -18.26 0.09
C ALA A 260 20.36 -17.66 0.54
N ASP A 261 21.35 -17.76 -0.35
CA ASP A 261 22.71 -17.23 -0.13
C ASP A 261 22.81 -15.70 0.09
N ALA A 262 22.07 -14.90 -0.68
CA ALA A 262 22.00 -13.46 -0.40
C ALA A 262 21.41 -13.17 0.98
N ALA A 263 20.41 -13.95 1.37
CA ALA A 263 19.68 -13.72 2.62
C ALA A 263 20.57 -14.10 3.81
N TYR A 264 21.37 -15.13 3.62
CA TYR A 264 22.35 -15.53 4.62
C TYR A 264 23.42 -14.45 4.84
N SER A 265 23.84 -13.77 3.77
CA SER A 265 24.82 -12.66 3.83
C SER A 265 24.33 -11.49 4.68
N ILE A 266 23.10 -11.09 4.44
CA ILE A 266 22.43 -10.06 5.21
C ILE A 266 22.39 -10.45 6.70
N PHE A 267 21.95 -11.69 6.98
CA PHE A 267 21.79 -12.17 8.37
C PHE A 267 23.03 -12.06 9.24
N GLN A 268 24.20 -12.02 8.61
CA GLN A 268 25.47 -11.87 9.30
C GLN A 268 25.89 -10.44 9.54
N LYS A 269 25.21 -9.46 8.93
CA LYS A 269 25.54 -8.04 9.12
C LYS A 269 25.07 -7.59 10.52
N PRO A 270 25.71 -6.54 11.06
CA PRO A 270 25.27 -5.99 12.35
C PRO A 270 23.97 -5.19 12.25
N LYS A 271 23.46 -4.78 13.40
CA LYS A 271 22.16 -4.11 13.43
C LYS A 271 22.14 -2.74 12.76
N SER A 272 23.32 -2.19 12.50
CA SER A 272 23.47 -0.95 11.75
C SER A 272 23.21 -1.13 10.25
N PHE A 273 23.14 -2.38 9.77
CA PHE A 273 22.79 -2.63 8.38
C PHE A 273 21.27 -2.68 8.26
N THR A 274 20.70 -1.58 7.80
CA THR A 274 19.28 -1.33 7.98
C THR A 274 18.81 -0.30 6.93
N GLY A 275 17.56 -0.40 6.54
CA GLY A 275 16.96 0.50 5.54
C GLY A 275 17.42 0.27 4.10
N ASN A 276 17.99 -0.90 3.82
CA ASN A 276 18.51 -1.23 2.47
C ASN A 276 17.51 -2.06 1.67
N PHE A 277 17.54 -1.90 0.35
CA PHE A 277 16.77 -2.74 -0.58
C PHE A 277 17.77 -3.53 -1.40
N VAL A 278 18.06 -4.73 -0.91
CA VAL A 278 19.15 -5.51 -1.45
C VAL A 278 18.64 -6.28 -2.65
N ILE A 279 19.51 -6.40 -3.66
CA ILE A 279 19.33 -7.27 -4.80
C ILE A 279 20.35 -8.41 -4.71
N ASP A 280 19.88 -9.65 -4.92
CA ASP A 280 20.67 -10.83 -4.63
C ASP A 280 22.08 -10.80 -5.22
N GLU A 281 22.18 -10.49 -6.50
CA GLU A 281 23.45 -10.52 -7.26
C GLU A 281 24.42 -9.48 -6.70
N ASN A 282 23.89 -8.30 -6.40
CA ASN A 282 24.72 -7.21 -5.92
C ASN A 282 25.37 -7.56 -4.59
N ILE A 283 24.59 -8.11 -3.67
CA ILE A 283 25.08 -8.42 -2.32
C ILE A 283 26.12 -9.53 -2.35
N LEU A 284 26.03 -10.44 -3.33
CA LEU A 284 26.97 -11.54 -3.44
C LEU A 284 28.27 -11.16 -4.17
N LYS A 285 28.23 -10.11 -5.01
CA LYS A 285 29.47 -9.58 -5.62
C LYS A 285 30.34 -8.98 -4.52
N GLU A 286 29.73 -8.17 -3.65
CA GLU A 286 30.42 -7.66 -2.45
C GLU A 286 31.13 -8.73 -1.64
N GLU A 287 30.56 -9.94 -1.61
CA GLU A 287 31.08 -11.03 -0.79
C GLU A 287 32.09 -11.91 -1.56
N GLY A 288 32.45 -11.50 -2.78
CA GLY A 288 33.50 -12.16 -3.55
C GLY A 288 33.08 -13.11 -4.66
N ILE A 289 31.78 -13.38 -4.80
CA ILE A 289 31.31 -14.27 -5.87
C ILE A 289 31.41 -13.58 -7.23
N GLU A 290 32.12 -14.22 -8.16
CA GLU A 290 32.37 -13.67 -9.50
C GLU A 290 31.68 -14.51 -10.58
N ASN A 291 31.91 -15.82 -10.55
CA ASN A 291 31.30 -16.74 -11.50
C ASN A 291 29.92 -17.21 -11.04
N PHE A 292 28.89 -16.61 -11.62
CA PHE A 292 27.50 -16.85 -11.21
C PHE A 292 26.81 -18.05 -11.89
N ASP A 293 27.54 -18.80 -12.72
CA ASP A 293 26.96 -19.91 -13.47
C ASP A 293 26.44 -21.03 -12.58
N VAL A 294 27.01 -21.18 -11.40
CA VAL A 294 26.62 -22.28 -10.50
C VAL A 294 25.18 -22.12 -10.04
N TYR A 295 24.64 -20.92 -10.22
CA TYR A 295 23.29 -20.60 -9.77
C TYR A 295 22.25 -20.67 -10.90
N ALA A 296 22.69 -20.91 -12.14
CA ALA A 296 21.73 -20.94 -13.25
C ALA A 296 21.19 -22.35 -13.45
N ILE A 297 19.92 -22.46 -13.83
CA ILE A 297 19.31 -23.77 -14.08
C ILE A 297 19.98 -24.45 -15.29
N LYS A 298 20.18 -23.67 -16.37
CA LYS A 298 20.99 -24.08 -17.53
C LYS A 298 22.03 -22.99 -17.84
N PRO A 299 23.28 -23.16 -17.36
CA PRO A 299 24.33 -22.20 -17.64
C PRO A 299 24.42 -21.86 -19.12
N GLY A 300 24.55 -20.57 -19.43
CA GLY A 300 24.57 -20.09 -20.81
C GLY A 300 23.30 -19.35 -21.18
N HIS A 301 22.16 -20.01 -20.97
CA HIS A 301 20.85 -19.47 -21.40
C HIS A 301 20.55 -18.07 -20.83
N PRO A 302 19.91 -17.20 -21.65
CA PRO A 302 19.40 -15.91 -21.20
C PRO A 302 18.53 -16.06 -19.95
N LEU A 303 18.60 -15.07 -19.06
CA LEU A 303 17.87 -15.08 -17.79
C LEU A 303 16.78 -14.02 -17.83
N GLN A 304 15.61 -14.34 -17.28
CA GLN A 304 14.46 -13.43 -17.28
C GLN A 304 14.60 -12.41 -16.15
N PRO A 305 14.62 -11.12 -16.49
CA PRO A 305 14.62 -10.09 -15.47
C PRO A 305 13.42 -10.18 -14.56
N ASP A 306 13.67 -9.91 -13.29
CA ASP A 306 12.65 -9.93 -12.29
C ASP A 306 11.82 -8.65 -12.46
N PHE A 307 10.64 -8.62 -11.85
CA PHE A 307 9.80 -7.44 -11.89
C PHE A 307 10.43 -6.32 -11.07
N PHE A 308 10.16 -5.09 -11.53
CA PHE A 308 10.47 -3.86 -10.81
C PHE A 308 11.91 -3.34 -10.95
N LEU A 309 12.77 -3.95 -11.80
CA LEU A 309 14.15 -3.46 -12.02
C LEU A 309 14.36 -2.95 -13.45
N ASP A 310 14.79 -1.70 -13.60
CA ASP A 310 14.92 -1.05 -14.93
C ASP A 310 16.22 -1.47 -15.65
N MET B 36 -10.39 34.80 -5.34
CA MET B 36 -10.89 33.39 -5.50
C MET B 36 -11.25 33.04 -6.97
N LEU B 37 -11.16 31.75 -7.27
CA LEU B 37 -11.32 31.25 -8.65
C LEU B 37 -12.80 31.23 -9.08
N PRO B 38 -13.13 31.87 -10.22
CA PRO B 38 -14.56 32.04 -10.49
C PRO B 38 -15.16 30.79 -11.11
N ASN B 39 -16.48 30.66 -11.06
CA ASN B 39 -17.16 29.56 -11.76
C ASN B 39 -17.18 29.84 -13.25
N THR B 40 -17.22 28.76 -14.04
CA THR B 40 -17.18 28.82 -15.50
C THR B 40 -18.50 28.45 -16.16
N GLY B 41 -19.36 27.75 -15.42
CA GLY B 41 -20.50 27.06 -16.02
C GLY B 41 -20.07 25.77 -16.71
N ARG B 42 -18.77 25.58 -16.80
CA ARG B 42 -18.18 24.50 -17.57
C ARG B 42 -18.61 23.09 -17.09
N LEU B 43 -19.15 22.95 -15.89
CA LEU B 43 -19.51 21.62 -15.38
C LEU B 43 -21.02 21.31 -15.38
N ALA B 44 -21.82 22.17 -16.02
CA ALA B 44 -23.27 21.96 -16.18
C ALA B 44 -23.59 20.61 -16.83
N GLY B 45 -24.50 19.85 -16.23
CA GLY B 45 -24.87 18.53 -16.75
C GLY B 45 -23.92 17.40 -16.42
N CYS B 46 -22.72 17.70 -15.93
CA CYS B 46 -21.80 16.66 -15.54
C CYS B 46 -22.20 16.06 -14.20
N THR B 47 -21.98 14.77 -14.07
CA THR B 47 -22.33 14.02 -12.87
C THR B 47 -21.06 13.71 -12.10
N VAL B 48 -20.94 14.25 -10.91
CA VAL B 48 -19.74 14.10 -10.11
C VAL B 48 -20.00 13.19 -8.93
N PHE B 49 -19.30 12.06 -8.92
CA PHE B 49 -19.44 11.06 -7.87
C PHE B 49 -18.34 11.35 -6.82
N ILE B 50 -18.76 11.71 -5.60
CA ILE B 50 -17.85 12.04 -4.50
C ILE B 50 -18.03 11.16 -3.24
N THR B 51 -16.99 10.41 -2.89
CA THR B 51 -16.95 9.64 -1.68
C THR B 51 -16.51 10.58 -0.54
N GLY B 52 -17.26 10.57 0.57
CA GLY B 52 -17.05 11.51 1.64
C GLY B 52 -17.51 12.94 1.39
N ALA B 53 -18.71 13.11 0.82
CA ALA B 53 -19.22 14.45 0.52
C ALA B 53 -20.23 14.95 1.55
N SER B 54 -20.37 14.25 2.69
CA SER B 54 -21.24 14.71 3.77
C SER B 54 -20.64 15.93 4.48
N ARG B 55 -19.32 16.06 4.47
CA ARG B 55 -18.65 17.21 5.13
C ARG B 55 -17.27 17.51 4.60
N GLY B 56 -16.65 18.56 5.16
CA GLY B 56 -15.27 18.97 4.83
C GLY B 56 -14.93 19.11 3.35
N ILE B 57 -13.74 18.65 2.96
CA ILE B 57 -13.26 18.92 1.62
C ILE B 57 -14.22 18.36 0.57
N GLY B 58 -14.66 17.13 0.75
CA GLY B 58 -15.58 16.46 -0.18
C GLY B 58 -16.81 17.27 -0.48
N LYS B 59 -17.45 17.81 0.55
CA LYS B 59 -18.62 18.65 0.36
C LYS B 59 -18.24 19.95 -0.35
N ALA B 60 -17.09 20.52 -0.04
CA ALA B 60 -16.69 21.77 -0.70
C ALA B 60 -16.45 21.55 -2.19
N ILE B 61 -15.89 20.40 -2.55
CA ILE B 61 -15.67 20.09 -3.95
C ILE B 61 -17.03 19.94 -4.61
N ALA B 62 -17.93 19.24 -3.94
CA ALA B 62 -19.29 19.10 -4.41
C ALA B 62 -19.96 20.45 -4.66
N LEU B 63 -19.91 21.35 -3.67
CA LEU B 63 -20.61 22.65 -3.77
C LEU B 63 -20.13 23.53 -4.92
N LYS B 64 -18.83 23.47 -5.26
CA LYS B 64 -18.27 24.33 -6.30
C LYS B 64 -18.74 23.84 -7.67
N ALA B 65 -18.70 22.53 -7.88
CA ALA B 65 -19.25 21.91 -9.09
C ALA B 65 -20.73 22.23 -9.19
N ALA B 66 -21.44 22.05 -8.08
CA ALA B 66 -22.88 22.28 -8.04
C ALA B 66 -23.28 23.64 -8.59
N LYS B 67 -22.45 24.66 -8.40
CA LYS B 67 -22.80 26.03 -8.84
C LYS B 67 -22.90 26.17 -10.36
N ASP B 68 -22.29 25.23 -11.11
CA ASP B 68 -22.48 25.18 -12.57
C ASP B 68 -23.74 24.43 -12.99
N GLY B 69 -24.49 23.90 -12.03
CA GLY B 69 -25.62 23.02 -12.32
C GLY B 69 -25.17 21.59 -12.57
N ALA B 70 -24.15 21.15 -11.84
CA ALA B 70 -23.70 19.76 -11.87
C ALA B 70 -24.63 18.89 -11.07
N ASN B 71 -24.59 17.59 -11.32
CA ASN B 71 -25.33 16.63 -10.51
C ASN B 71 -24.31 15.93 -9.64
N ILE B 72 -24.51 15.96 -8.33
CA ILE B 72 -23.54 15.36 -7.38
C ILE B 72 -24.12 14.10 -6.77
N VAL B 73 -23.33 13.04 -6.72
CA VAL B 73 -23.65 11.85 -5.94
C VAL B 73 -22.79 11.85 -4.68
N ILE B 74 -23.46 11.80 -3.53
CA ILE B 74 -22.83 11.94 -2.23
C ILE B 74 -22.75 10.55 -1.64
N ALA B 75 -21.54 10.00 -1.58
CA ALA B 75 -21.35 8.63 -1.14
C ALA B 75 -20.70 8.60 0.24
N ALA B 76 -21.50 8.66 1.30
CA ALA B 76 -20.98 8.64 2.65
C ALA B 76 -21.85 7.82 3.59
N LYS B 77 -21.35 7.56 4.79
CA LYS B 77 -22.03 6.74 5.78
C LYS B 77 -23.13 7.46 6.55
N THR B 78 -22.93 8.75 6.79
CA THR B 78 -23.79 9.46 7.75
C THR B 78 -25.15 9.81 7.14
N ALA B 79 -26.18 9.14 7.65
CA ALA B 79 -27.57 9.36 7.24
C ALA B 79 -28.41 9.91 8.40
N GLN B 80 -28.09 9.50 9.63
CA GLN B 80 -28.66 10.12 10.84
C GLN B 80 -27.56 11.00 11.47
N PRO B 81 -27.94 12.14 12.08
CA PRO B 81 -26.91 12.99 12.67
C PRO B 81 -26.25 12.36 13.91
N HIS B 82 -25.02 11.87 13.72
CA HIS B 82 -24.17 11.44 14.85
C HIS B 82 -23.82 12.71 15.63
N PRO B 83 -23.75 12.62 16.98
CA PRO B 83 -23.58 13.85 17.79
C PRO B 83 -22.18 14.48 17.68
N LYS B 84 -21.13 13.67 17.79
CA LYS B 84 -19.77 14.18 17.65
C LYS B 84 -19.63 14.99 16.33
N LEU B 85 -19.87 14.33 15.20
CA LEU B 85 -19.76 14.96 13.88
C LEU B 85 -20.91 15.95 13.58
N LEU B 86 -20.75 16.70 12.48
CA LEU B 86 -21.72 17.72 12.05
C LEU B 86 -22.14 17.51 10.58
N GLY B 87 -23.45 17.45 10.33
CA GLY B 87 -24.00 17.27 8.98
C GLY B 87 -24.08 15.84 8.49
N THR B 88 -25.09 15.54 7.66
CA THR B 88 -25.35 14.18 7.14
C THR B 88 -25.25 14.18 5.63
N ILE B 89 -25.49 13.05 4.98
CA ILE B 89 -25.56 13.07 3.52
C ILE B 89 -26.79 13.85 3.05
N TYR B 90 -27.81 13.94 3.90
CA TYR B 90 -29.03 14.64 3.56
C TYR B 90 -28.92 16.14 3.64
N THR B 91 -28.19 16.67 4.64
CA THR B 91 -28.03 18.12 4.73
C THR B 91 -27.10 18.64 3.64
N ALA B 92 -26.08 17.85 3.29
CA ALA B 92 -25.21 18.19 2.17
C ALA B 92 -26.09 18.33 0.94
N ALA B 93 -26.94 17.32 0.74
CA ALA B 93 -27.92 17.32 -0.35
C ALA B 93 -28.68 18.62 -0.40
N GLU B 94 -29.27 19.01 0.73
CA GLU B 94 -30.00 20.28 0.83
C GLU B 94 -29.13 21.48 0.42
N GLU B 95 -27.86 21.45 0.81
CA GLU B 95 -26.96 22.58 0.54
C GLU B 95 -26.55 22.65 -0.92
N ILE B 96 -26.31 21.50 -1.53
CA ILE B 96 -26.02 21.43 -2.96
C ILE B 96 -27.18 21.85 -3.86
N GLU B 97 -28.40 21.48 -3.45
CA GLU B 97 -29.56 21.89 -4.21
C GLU B 97 -29.75 23.39 -4.06
N ALA B 98 -29.49 23.91 -2.86
CA ALA B 98 -29.70 25.32 -2.57
C ALA B 98 -28.78 26.21 -3.40
N VAL B 99 -27.68 25.65 -3.86
CA VAL B 99 -26.65 26.42 -4.56
C VAL B 99 -26.81 26.40 -6.09
N GLY B 100 -27.68 25.51 -6.59
CA GLY B 100 -28.00 25.45 -8.02
C GLY B 100 -27.68 24.12 -8.70
N GLY B 101 -27.20 23.13 -7.95
CA GLY B 101 -26.93 21.80 -8.49
C GLY B 101 -27.99 20.76 -8.14
N LYS B 102 -27.76 19.53 -8.60
CA LYS B 102 -28.68 18.40 -8.35
C LYS B 102 -27.99 17.34 -7.47
N ALA B 103 -28.69 16.79 -6.49
CA ALA B 103 -28.10 15.89 -5.47
C ALA B 103 -28.75 14.50 -5.34
N LEU B 104 -27.90 13.46 -5.39
CA LEU B 104 -28.30 12.09 -5.06
C LEU B 104 -27.51 11.61 -3.83
N PRO B 105 -28.15 11.62 -2.65
CA PRO B 105 -27.51 11.19 -1.41
C PRO B 105 -27.60 9.68 -1.12
N CYS B 106 -26.52 8.94 -1.30
CA CYS B 106 -26.52 7.49 -1.07
C CYS B 106 -25.74 7.13 0.18
N ILE B 107 -26.24 6.15 0.92
CA ILE B 107 -25.51 5.64 2.07
C ILE B 107 -24.42 4.69 1.55
N VAL B 108 -23.16 5.12 1.68
CA VAL B 108 -22.02 4.37 1.22
C VAL B 108 -20.89 4.35 2.27
N ASP B 109 -20.58 3.16 2.74
CA ASP B 109 -19.37 2.91 3.44
C ASP B 109 -18.49 2.20 2.44
N VAL B 110 -17.51 2.93 1.90
CA VAL B 110 -16.67 2.43 0.83
C VAL B 110 -15.94 1.14 1.15
N ARG B 111 -16.03 0.69 2.40
CA ARG B 111 -15.52 -0.62 2.78
C ARG B 111 -16.38 -1.75 2.28
N ASP B 112 -17.64 -1.46 1.98
CA ASP B 112 -18.55 -2.49 1.45
C ASP B 112 -18.77 -2.26 -0.03
N GLU B 113 -18.21 -3.14 -0.85
CA GLU B 113 -18.31 -3.01 -2.29
C GLU B 113 -19.77 -2.99 -2.76
N GLN B 114 -20.65 -3.75 -2.10
CA GLN B 114 -22.06 -3.73 -2.49
C GLN B 114 -22.63 -2.30 -2.41
N GLN B 115 -22.28 -1.55 -1.37
CA GLN B 115 -22.86 -0.22 -1.19
C GLN B 115 -22.36 0.73 -2.27
N ILE B 116 -21.12 0.55 -2.69
CA ILE B 116 -20.55 1.37 -3.76
C ILE B 116 -21.33 1.11 -5.07
N SER B 117 -21.69 -0.14 -5.32
CA SER B 117 -22.44 -0.50 -6.54
C SER B 117 -23.88 0.05 -6.53
N ALA B 118 -24.60 -0.19 -5.44
CA ALA B 118 -25.94 0.35 -5.30
C ALA B 118 -25.94 1.87 -5.57
N ALA B 119 -24.92 2.57 -5.07
CA ALA B 119 -24.81 4.03 -5.27
C ALA B 119 -24.59 4.39 -6.73
N VAL B 120 -23.67 3.67 -7.37
CA VAL B 120 -23.36 3.87 -8.77
C VAL B 120 -24.54 3.52 -9.67
N GLU B 121 -25.15 2.37 -9.43
CA GLU B 121 -26.33 1.94 -10.18
C GLU B 121 -27.44 2.98 -9.99
N LYS B 122 -27.66 3.41 -8.75
CA LYS B 122 -28.62 4.49 -8.49
C LYS B 122 -28.25 5.73 -9.30
N ALA B 123 -26.97 6.08 -9.31
CA ALA B 123 -26.53 7.26 -10.06
C ALA B 123 -26.86 7.16 -11.56
N ILE B 124 -26.65 6.00 -12.16
CA ILE B 124 -26.94 5.82 -13.59
C ILE B 124 -28.43 5.95 -13.90
N LYS B 125 -29.25 5.31 -13.09
CA LYS B 125 -30.70 5.40 -13.29
C LYS B 125 -31.21 6.85 -13.14
N LYS B 126 -30.64 7.59 -12.19
CA LYS B 126 -31.11 8.95 -11.88
C LYS B 126 -30.54 10.02 -12.80
N PHE B 127 -29.27 9.90 -13.22
CA PHE B 127 -28.60 10.94 -14.03
C PHE B 127 -28.12 10.53 -15.44
N GLY B 128 -27.90 9.23 -15.68
CA GLY B 128 -27.55 8.73 -17.02
C GLY B 128 -26.09 8.33 -17.19
N GLY B 129 -25.21 8.88 -16.37
CA GLY B 129 -23.82 8.45 -16.38
C GLY B 129 -23.02 9.01 -15.22
N ILE B 130 -21.71 8.86 -15.30
CA ILE B 130 -20.81 9.47 -14.35
C ILE B 130 -19.65 10.09 -15.14
N ASP B 131 -19.35 11.36 -14.87
CA ASP B 131 -18.34 12.11 -15.61
C ASP B 131 -17.03 12.28 -14.83
N ILE B 132 -17.17 12.48 -13.52
CA ILE B 132 -16.06 12.68 -12.60
C ILE B 132 -16.26 11.79 -11.38
N LEU B 133 -15.20 11.11 -10.96
CA LEU B 133 -15.13 10.40 -9.69
C LEU B 133 -14.08 11.10 -8.82
N VAL B 134 -14.44 11.42 -7.57
CA VAL B 134 -13.51 11.95 -6.58
C VAL B 134 -13.40 10.99 -5.40
N ASN B 135 -12.24 10.37 -5.27
CA ASN B 135 -11.96 9.47 -4.16
C ASN B 135 -11.42 10.28 -2.99
N ASN B 136 -12.33 10.74 -2.14
CA ASN B 136 -12.01 11.66 -1.08
C ASN B 136 -12.11 11.02 0.30
N ALA B 137 -12.80 9.91 0.43
CA ALA B 137 -13.03 9.32 1.77
C ALA B 137 -11.73 8.81 2.32
N SER B 138 -11.51 8.99 3.62
CA SER B 138 -10.32 8.41 4.24
C SER B 138 -10.50 8.21 5.73
N ALA B 139 -9.64 7.39 6.30
CA ALA B 139 -9.53 7.16 7.76
C ALA B 139 -8.07 7.49 8.17
N ILE B 140 -7.88 8.02 9.38
CA ILE B 140 -6.50 8.44 9.78
C ILE B 140 -6.21 7.94 11.15
N SER B 141 -4.98 7.51 11.38
CA SER B 141 -4.51 7.13 12.71
C SER B 141 -3.02 7.33 12.73
N LEU B 142 -2.53 8.21 13.61
CA LEU B 142 -1.10 8.55 13.58
C LEU B 142 -0.31 7.75 14.60
N THR B 143 -0.57 6.46 14.66
CA THR B 143 0.12 5.57 15.57
C THR B 143 1.19 4.78 14.80
N ASN B 144 2.07 4.13 15.55
N ASN B 144 2.13 4.21 15.56
CA ASN B 144 3.24 3.48 14.98
CA ASN B 144 3.30 3.53 15.04
C ASN B 144 3.14 1.96 15.13
C ASN B 144 3.14 2.00 15.06
N THR B 145 4.23 1.24 14.90
CA THR B 145 4.14 -0.21 14.72
C THR B 145 3.47 -0.95 15.89
N LEU B 146 3.93 -0.71 17.10
CA LEU B 146 3.45 -1.43 18.27
C LEU B 146 2.18 -0.80 18.86
N ASP B 147 1.91 0.44 18.44
CA ASP B 147 0.84 1.32 18.93
C ASP B 147 -0.51 1.22 18.18
N THR B 148 -0.47 0.79 16.92
CA THR B 148 -1.63 0.79 16.03
C THR B 148 -2.45 -0.50 16.22
N PRO B 149 -3.69 -0.39 16.76
CA PRO B 149 -4.53 -1.60 16.84
C PRO B 149 -4.92 -2.09 15.43
N THR B 150 -5.09 -3.40 15.30
CA THR B 150 -5.42 -4.04 14.03
C THR B 150 -6.69 -3.45 13.40
N LYS B 151 -7.73 -3.17 14.21
CA LYS B 151 -8.94 -2.51 13.69
C LYS B 151 -8.57 -1.22 12.96
N ARG B 152 -7.75 -0.39 13.62
CA ARG B 152 -7.28 0.87 13.00
C ARG B 152 -6.46 0.63 11.73
N LEU B 153 -5.63 -0.41 11.74
CA LEU B 153 -4.86 -0.75 10.53
C LEU B 153 -5.82 -1.14 9.42
N ASP B 154 -6.76 -2.02 9.71
CA ASP B 154 -7.67 -2.48 8.66
C ASP B 154 -8.50 -1.30 8.16
N LEU B 155 -8.85 -0.38 9.07
CA LEU B 155 -9.68 0.74 8.72
C LEU B 155 -9.01 1.64 7.70
N MET B 156 -7.69 1.82 7.84
CA MET B 156 -6.97 2.68 6.93
C MET B 156 -6.73 2.01 5.58
N MET B 157 -6.35 0.74 5.59
CA MET B 157 -6.09 0.09 4.33
CA MET B 157 -6.11 -0.04 4.37
C MET B 157 -7.41 -0.12 3.58
N ASN B 158 -8.54 -0.29 4.29
CA ASN B 158 -9.84 -0.51 3.61
C ASN B 158 -10.64 0.75 3.24
N VAL B 159 -10.50 1.84 3.95
CA VAL B 159 -11.16 3.07 3.51
C VAL B 159 -10.33 3.75 2.44
N ASN B 160 -9.03 3.92 2.69
CA ASN B 160 -8.17 4.65 1.78
C ASN B 160 -7.84 3.84 0.50
N THR B 161 -6.98 2.82 0.62
CA THR B 161 -6.46 2.15 -0.60
C THR B 161 -7.54 1.31 -1.32
N ARG B 162 -8.04 0.30 -0.64
CA ARG B 162 -9.11 -0.53 -1.13
C ARG B 162 -10.36 0.23 -1.59
N GLY B 163 -10.91 1.10 -0.74
CA GLY B 163 -12.12 1.85 -1.09
C GLY B 163 -11.92 2.69 -2.34
N THR B 164 -10.75 3.30 -2.45
CA THR B 164 -10.39 4.04 -3.63
C THR B 164 -10.34 3.11 -4.81
N TYR B 165 -9.78 1.92 -4.61
CA TYR B 165 -9.66 0.98 -5.73
C TYR B 165 -11.02 0.51 -6.23
N LEU B 166 -11.92 0.23 -5.29
CA LEU B 166 -13.18 -0.41 -5.58
C LEU B 166 -14.13 0.63 -6.17
N ALA B 167 -14.13 1.83 -5.58
CA ALA B 167 -14.93 2.94 -6.10
C ALA B 167 -14.51 3.21 -7.53
N SER B 168 -13.21 3.12 -7.80
CA SER B 168 -12.71 3.41 -9.12
C SER B 168 -13.12 2.32 -10.12
N LYS B 169 -12.99 1.07 -9.71
CA LYS B 169 -13.38 -0.05 -10.53
C LYS B 169 -14.84 0.13 -10.97
N ALA B 170 -15.72 0.46 -10.02
CA ALA B 170 -17.15 0.59 -10.27
C ALA B 170 -17.57 1.77 -11.15
N CYS B 171 -16.78 2.84 -11.19
CA CYS B 171 -17.12 3.98 -12.04
C CYS B 171 -16.49 3.92 -13.42
N ILE B 172 -15.39 3.18 -13.57
CA ILE B 172 -14.56 3.24 -14.78
C ILE B 172 -15.32 2.92 -16.05
N PRO B 173 -16.22 1.92 -16.00
CA PRO B 173 -16.94 1.66 -17.26
C PRO B 173 -17.84 2.83 -17.71
N TYR B 174 -18.35 3.61 -16.76
CA TYR B 174 -19.21 4.74 -17.08
C TYR B 174 -18.39 5.98 -17.40
N LEU B 175 -17.22 6.09 -16.78
CA LEU B 175 -16.29 7.18 -17.08
C LEU B 175 -15.77 7.11 -18.51
N LYS B 176 -15.56 5.90 -19.01
CA LYS B 176 -15.06 5.69 -20.38
C LYS B 176 -16.01 6.30 -21.40
N LYS B 177 -17.30 6.36 -21.05
CA LYS B 177 -18.32 6.93 -21.93
C LYS B 177 -18.38 8.46 -21.87
N SER B 178 -17.92 9.04 -20.75
CA SER B 178 -18.05 10.49 -20.52
C SER B 178 -17.15 11.30 -21.45
N LYS B 179 -17.61 12.49 -21.79
CA LYS B 179 -16.81 13.45 -22.53
C LYS B 179 -15.76 14.07 -21.59
N VAL B 180 -15.97 13.96 -20.29
CA VAL B 180 -15.09 14.57 -19.29
C VAL B 180 -14.02 13.60 -18.75
N ALA B 181 -14.47 12.54 -18.07
CA ALA B 181 -13.65 11.39 -17.76
C ALA B 181 -12.49 11.70 -16.80
N HIS B 182 -12.82 12.10 -15.58
CA HIS B 182 -11.83 12.31 -14.53
C HIS B 182 -12.03 11.38 -13.33
N ILE B 183 -10.92 10.77 -12.89
CA ILE B 183 -10.76 10.26 -11.52
C ILE B 183 -9.77 11.20 -10.81
N LEU B 184 -10.17 11.71 -9.66
CA LEU B 184 -9.31 12.52 -8.83
C LEU B 184 -9.20 11.86 -7.48
N ASN B 185 -7.96 11.52 -7.09
CA ASN B 185 -7.64 10.95 -5.77
C ASN B 185 -7.00 11.99 -4.88
N ILE B 186 -7.60 12.19 -3.69
CA ILE B 186 -7.10 13.18 -2.73
C ILE B 186 -5.98 12.46 -1.98
N SER B 187 -4.80 12.47 -2.58
CA SER B 187 -3.66 11.74 -2.08
C SER B 187 -2.38 12.45 -2.55
N PRO B 188 -1.24 12.18 -1.90
CA PRO B 188 -0.10 13.06 -2.09
C PRO B 188 0.86 12.56 -3.13
N PRO B 189 1.77 13.42 -3.56
CA PRO B 189 2.90 12.93 -4.38
C PRO B 189 3.67 11.88 -3.61
N LEU B 190 4.35 10.97 -4.32
CA LEU B 190 4.96 9.79 -3.69
C LEU B 190 6.39 10.11 -3.18
N ASN B 191 6.43 10.80 -2.03
CA ASN B 191 7.68 11.19 -1.39
C ASN B 191 8.21 10.09 -0.46
N LEU B 192 9.30 9.44 -0.88
CA LEU B 192 9.86 8.27 -0.22
C LEU B 192 10.91 8.64 0.83
N ASN B 193 10.99 9.91 1.20
CA ASN B 193 11.84 10.33 2.32
C ASN B 193 11.40 9.53 3.53
N PRO B 194 12.33 8.79 4.17
CA PRO B 194 11.96 7.98 5.33
C PRO B 194 11.30 8.74 6.49
N VAL B 195 11.54 10.04 6.58
N VAL B 195 11.55 10.04 6.59
CA VAL B 195 10.92 10.84 7.63
CA VAL B 195 10.90 10.87 7.62
C VAL B 195 9.37 10.68 7.67
C VAL B 195 9.37 10.64 7.68
N TRP B 196 8.73 10.50 6.53
CA TRP B 196 7.24 10.34 6.48
C TRP B 196 6.74 8.91 6.79
N PHE B 197 7.67 7.96 6.94
CA PHE B 197 7.35 6.57 7.25
C PHE B 197 7.74 6.13 8.67
N LYS B 198 8.64 6.85 9.31
CA LYS B 198 9.12 6.50 10.65
C LYS B 198 7.97 6.48 11.68
N GLN B 199 7.13 7.50 11.59
CA GLN B 199 5.90 7.60 12.35
C GLN B 199 4.73 7.41 11.38
N HIS B 200 3.68 6.79 11.86
CA HIS B 200 2.48 6.57 11.08
C HIS B 200 2.73 5.92 9.75
N CYS B 201 3.51 4.84 9.77
CA CYS B 201 3.83 4.09 8.55
C CYS B 201 2.57 3.52 7.89
N ALA B 202 1.66 2.99 8.70
CA ALA B 202 0.42 2.41 8.20
C ALA B 202 -0.41 3.43 7.43
N TYR B 203 -0.52 4.61 8.01
CA TYR B 203 -1.29 5.68 7.40
C TYR B 203 -0.63 6.18 6.12
N THR B 204 0.68 6.36 6.16
CA THR B 204 1.42 6.74 4.95
C THR B 204 1.22 5.74 3.82
N ILE B 205 1.34 4.45 4.11
CA ILE B 205 1.20 3.38 3.09
C ILE B 205 -0.21 3.38 2.53
N ALA B 206 -1.19 3.57 3.41
CA ALA B 206 -2.60 3.65 3.02
C ALA B 206 -2.83 4.80 2.05
N LYS B 207 -2.31 5.98 2.36
CA LYS B 207 -2.49 7.12 1.48
C LYS B 207 -1.68 6.96 0.20
N TYR B 208 -0.48 6.41 0.33
CA TYR B 208 0.41 6.30 -0.85
C TYR B 208 -0.19 5.34 -1.87
N GLY B 209 -0.93 4.35 -1.39
CA GLY B 209 -1.55 3.37 -2.25
C GLY B 209 -2.53 4.02 -3.19
N MET B 210 -3.35 4.92 -2.65
CA MET B 210 -4.25 5.75 -3.48
C MET B 210 -3.46 6.47 -4.55
N SER B 211 -2.26 6.92 -4.27
CA SER B 211 -1.48 7.64 -5.26
C SER B 211 -0.80 6.70 -6.22
N MET B 212 -0.52 5.49 -5.75
CA MET B 212 0.07 4.48 -6.64
C MET B 212 -0.95 4.01 -7.68
N TYR B 213 -2.23 4.06 -7.34
CA TYR B 213 -3.25 3.72 -8.31
C TYR B 213 -3.35 4.76 -9.44
N VAL B 214 -2.96 6.01 -9.15
CA VAL B 214 -2.86 7.08 -10.15
C VAL B 214 -1.81 6.72 -11.16
N LEU B 215 -0.61 6.41 -10.67
CA LEU B 215 0.49 6.02 -11.56
C LEU B 215 0.02 4.98 -12.52
N GLY B 216 -0.71 4.00 -11.99
CA GLY B 216 -1.07 2.81 -12.75
C GLY B 216 -2.24 3.06 -13.65
N MET B 217 -3.31 3.61 -13.08
CA MET B 217 -4.53 3.71 -13.85
C MET B 217 -4.41 4.74 -14.95
N ALA B 218 -3.65 5.81 -14.70
CA ALA B 218 -3.41 6.83 -15.71
C ALA B 218 -2.83 6.23 -16.97
N GLU B 219 -1.97 5.21 -16.86
CA GLU B 219 -1.45 4.58 -18.09
C GLU B 219 -2.46 3.57 -18.59
N GLU B 220 -3.11 2.88 -17.67
CA GLU B 220 -4.05 1.82 -18.04
C GLU B 220 -5.18 2.36 -18.94
N PHE B 221 -5.62 3.58 -18.68
CA PHE B 221 -6.76 4.17 -19.35
C PHE B 221 -6.36 5.46 -20.05
N LYS B 222 -5.14 5.49 -20.59
CA LYS B 222 -4.66 6.66 -21.33
C LYS B 222 -5.55 6.93 -22.56
N GLY B 223 -5.96 8.18 -22.71
CA GLY B 223 -6.86 8.57 -23.79
C GLY B 223 -8.32 8.32 -23.49
N GLU B 224 -8.61 7.47 -22.51
CA GLU B 224 -9.97 7.13 -22.14
C GLU B 224 -10.39 7.89 -20.90
N ILE B 225 -9.56 7.90 -19.88
CA ILE B 225 -9.89 8.52 -18.59
C ILE B 225 -8.66 9.17 -17.96
N ALA B 226 -8.80 10.44 -17.60
CA ALA B 226 -7.77 11.18 -16.85
C ALA B 226 -7.78 10.79 -15.37
N VAL B 227 -6.60 10.47 -14.85
CA VAL B 227 -6.42 10.04 -13.46
C VAL B 227 -5.29 10.84 -12.85
N ASN B 228 -5.60 11.60 -11.80
CA ASN B 228 -4.62 12.44 -11.14
C ASN B 228 -4.87 12.43 -9.62
N ALA B 229 -3.87 12.90 -8.86
CA ALA B 229 -4.02 13.07 -7.41
C ALA B 229 -3.95 14.56 -7.09
N LEU B 230 -4.63 14.95 -6.01
CA LEU B 230 -4.62 16.33 -5.59
C LEU B 230 -4.31 16.39 -4.09
N TRP B 231 -3.32 17.18 -3.67
CA TRP B 231 -2.99 17.32 -2.24
C TRP B 231 -2.85 18.81 -1.82
N PRO B 232 -3.38 19.16 -0.62
CA PRO B 232 -3.21 20.51 -0.12
C PRO B 232 -1.81 20.82 0.42
N LYS B 233 -1.29 21.98 0.04
CA LYS B 233 0.03 22.42 0.48
C LYS B 233 0.06 22.57 2.00
N THR B 234 -1.03 23.09 2.57
CA THR B 234 -1.14 23.36 4.00
C THR B 234 -2.28 22.56 4.62
N ALA B 235 -2.45 22.69 5.94
CA ALA B 235 -3.63 22.15 6.59
C ALA B 235 -4.87 22.92 6.11
N ILE B 236 -6.02 22.23 6.09
CA ILE B 236 -7.31 22.77 5.71
C ILE B 236 -8.33 22.73 6.87
N HIS B 237 -9.08 23.81 7.06
CA HIS B 237 -10.02 23.85 8.16
C HIS B 237 -11.24 22.97 7.92
N THR B 238 -11.20 21.80 8.54
CA THR B 238 -12.34 20.89 8.57
C THR B 238 -12.36 20.41 9.98
N ALA B 239 -13.45 19.76 10.38
CA ALA B 239 -13.63 19.42 11.80
C ALA B 239 -12.68 18.27 12.16
N ALA B 240 -12.38 17.42 11.19
CA ALA B 240 -11.32 16.43 11.37
C ALA B 240 -9.98 17.10 11.73
N MET B 241 -9.62 18.18 11.04
CA MET B 241 -8.38 18.87 11.38
C MET B 241 -8.40 19.41 12.81
N ASP B 242 -9.56 19.88 13.26
CA ASP B 242 -9.73 20.36 14.64
C ASP B 242 -9.55 19.24 15.67
N MET B 243 -10.00 18.03 15.32
CA MET B 243 -9.74 16.88 16.17
C MET B 243 -8.25 16.61 16.30
N LEU B 244 -7.55 16.68 15.17
CA LEU B 244 -6.14 16.32 15.10
C LEU B 244 -5.26 17.38 15.74
N GLY B 245 -5.48 18.63 15.33
CA GLY B 245 -4.60 19.74 15.68
C GLY B 245 -4.95 20.48 16.95
N GLY B 246 -6.17 20.31 17.45
CA GLY B 246 -6.58 20.90 18.73
C GLY B 246 -7.27 22.25 18.59
N PRO B 247 -7.48 22.92 19.73
CA PRO B 247 -8.21 24.18 19.71
C PRO B 247 -7.41 25.27 19.01
N GLY B 248 -8.08 26.07 18.20
CA GLY B 248 -7.45 27.19 17.48
C GLY B 248 -6.42 26.77 16.43
N ILE B 249 -6.47 25.52 15.99
CA ILE B 249 -5.61 25.11 14.88
C ILE B 249 -6.14 25.79 13.62
N GLU B 250 -7.43 26.16 13.64
CA GLU B 250 -8.07 26.83 12.50
C GLU B 250 -7.29 28.07 12.03
N SER B 251 -6.68 28.81 12.94
CA SER B 251 -5.91 30.00 12.56
C SER B 251 -4.65 29.66 11.73
N GLN B 252 -4.19 28.41 11.82
CA GLN B 252 -3.09 27.89 10.98
C GLN B 252 -3.54 27.19 9.69
N CYS B 253 -4.83 27.20 9.38
CA CYS B 253 -5.32 26.49 8.19
C CYS B 253 -5.75 27.44 7.11
N ARG B 254 -6.05 26.87 5.95
CA ARG B 254 -6.71 27.56 4.85
C ARG B 254 -8.14 27.00 4.70
N LYS B 255 -8.98 27.74 3.98
CA LYS B 255 -10.37 27.36 3.80
C LYS B 255 -10.49 26.14 2.91
N VAL B 256 -11.56 25.38 3.10
CA VAL B 256 -11.88 24.27 2.18
C VAL B 256 -11.94 24.75 0.73
N ASP B 257 -12.27 26.03 0.59
CA ASP B 257 -12.41 26.65 -0.74
C ASP B 257 -11.18 26.48 -1.64
N ILE B 258 -9.98 26.41 -1.06
CA ILE B 258 -8.77 26.33 -1.89
C ILE B 258 -8.68 24.98 -2.58
N ILE B 259 -9.06 23.91 -1.87
CA ILE B 259 -9.03 22.56 -2.44
C ILE B 259 -10.16 22.38 -3.45
N ALA B 260 -11.36 22.83 -3.08
CA ALA B 260 -12.49 22.88 -4.00
C ALA B 260 -12.16 23.59 -5.32
N ASP B 261 -11.49 24.74 -5.24
CA ASP B 261 -11.14 25.50 -6.45
C ASP B 261 -10.04 24.81 -7.28
N ALA B 262 -9.12 24.12 -6.63
CA ALA B 262 -8.07 23.39 -7.35
C ALA B 262 -8.66 22.18 -8.04
N ALA B 263 -9.57 21.50 -7.35
CA ALA B 263 -10.29 20.36 -7.93
C ALA B 263 -11.13 20.79 -9.18
N TYR B 264 -11.85 21.90 -9.02
CA TYR B 264 -12.64 22.48 -10.08
C TYR B 264 -11.78 22.74 -11.31
N SER B 265 -10.54 23.24 -11.14
CA SER B 265 -9.66 23.51 -12.29
C SER B 265 -9.31 22.21 -12.93
N ILE B 266 -8.88 21.22 -12.13
CA ILE B 266 -8.47 19.93 -12.72
C ILE B 266 -9.60 19.39 -13.59
N PHE B 267 -10.85 19.55 -13.09
CA PHE B 267 -12.03 19.03 -13.77
C PHE B 267 -12.21 19.58 -15.18
N GLN B 268 -11.82 20.83 -15.39
CA GLN B 268 -11.93 21.46 -16.70
C GLN B 268 -10.74 21.16 -17.61
N LYS B 269 -9.78 20.37 -17.15
CA LYS B 269 -8.67 19.95 -18.00
C LYS B 269 -9.16 18.77 -18.84
N PRO B 270 -8.54 18.55 -20.00
CA PRO B 270 -8.91 17.47 -20.91
C PRO B 270 -8.36 16.12 -20.47
N LYS B 271 -8.89 15.04 -21.05
CA LYS B 271 -8.54 13.66 -20.67
C LYS B 271 -7.05 13.38 -20.75
N SER B 272 -6.32 14.12 -21.59
CA SER B 272 -4.87 13.98 -21.70
C SER B 272 -4.09 14.48 -20.46
N PHE B 273 -4.74 15.23 -19.56
CA PHE B 273 -4.14 15.67 -18.30
C PHE B 273 -4.24 14.55 -17.26
N THR B 274 -3.16 13.80 -17.11
CA THR B 274 -3.20 12.52 -16.44
C THR B 274 -1.85 12.14 -15.90
N GLY B 275 -1.86 11.38 -14.83
CA GLY B 275 -0.62 10.93 -14.21
C GLY B 275 0.04 11.98 -13.35
N ASN B 276 -0.73 12.93 -12.82
CA ASN B 276 -0.18 14.10 -12.12
C ASN B 276 -0.50 14.05 -10.66
N PHE B 277 0.44 14.55 -9.85
CA PHE B 277 0.26 14.65 -8.42
C PHE B 277 0.26 16.12 -8.08
N VAL B 278 -0.92 16.72 -8.18
CA VAL B 278 -1.11 18.15 -8.08
C VAL B 278 -1.16 18.60 -6.64
N ILE B 279 -0.62 19.80 -6.39
CA ILE B 279 -0.66 20.53 -5.12
C ILE B 279 -1.57 21.72 -5.35
N ASP B 280 -2.53 21.94 -4.47
CA ASP B 280 -3.56 22.97 -4.68
C ASP B 280 -3.02 24.35 -5.00
N GLU B 281 -1.94 24.74 -4.34
CA GLU B 281 -1.36 26.05 -4.55
C GLU B 281 -0.77 26.15 -5.96
N ASN B 282 -0.04 25.13 -6.41
CA ASN B 282 0.63 25.19 -7.71
C ASN B 282 -0.38 25.35 -8.86
N ILE B 283 -1.46 24.59 -8.84
CA ILE B 283 -2.42 24.61 -9.95
C ILE B 283 -3.15 25.98 -9.99
N LEU B 284 -3.38 26.57 -8.82
CA LEU B 284 -4.07 27.86 -8.79
C LEU B 284 -3.16 28.97 -9.28
N LYS B 285 -1.86 28.86 -9.07
CA LYS B 285 -0.98 29.91 -9.61
C LYS B 285 -0.92 29.79 -11.13
N GLU B 286 -0.84 28.56 -11.60
CA GLU B 286 -0.96 28.26 -13.02
C GLU B 286 -2.17 28.94 -13.65
N GLU B 287 -3.26 28.97 -12.90
CA GLU B 287 -4.52 29.54 -13.34
C GLU B 287 -4.62 31.05 -13.16
N GLY B 288 -3.65 31.64 -12.46
CA GLY B 288 -3.55 33.10 -12.34
C GLY B 288 -3.71 33.68 -10.95
N ILE B 289 -3.99 32.86 -9.93
CA ILE B 289 -4.14 33.38 -8.56
C ILE B 289 -2.77 33.72 -7.97
N GLU B 290 -2.59 34.98 -7.59
CA GLU B 290 -1.30 35.47 -7.12
C GLU B 290 -1.27 35.61 -5.61
N ASN B 291 -2.36 36.14 -5.06
CA ASN B 291 -2.50 36.38 -3.63
C ASN B 291 -3.51 35.42 -2.99
N PHE B 292 -3.00 34.57 -2.10
CA PHE B 292 -3.77 33.54 -1.42
C PHE B 292 -4.31 33.97 -0.05
N ASP B 293 -4.09 35.22 0.30
CA ASP B 293 -4.68 35.80 1.50
C ASP B 293 -6.13 35.38 1.65
N VAL B 294 -6.85 35.43 0.54
CA VAL B 294 -8.29 35.13 0.50
C VAL B 294 -8.63 33.68 0.88
N TYR B 295 -7.68 32.77 0.72
CA TYR B 295 -7.88 31.38 1.14
C TYR B 295 -7.52 31.06 2.61
N ALA B 296 -6.95 32.02 3.32
CA ALA B 296 -6.53 31.80 4.71
C ALA B 296 -7.66 32.02 5.68
N ILE B 297 -7.78 31.13 6.67
CA ILE B 297 -8.75 31.34 7.74
C ILE B 297 -8.47 32.68 8.42
N LYS B 298 -7.20 32.91 8.75
CA LYS B 298 -6.77 34.17 9.36
C LYS B 298 -5.53 34.67 8.62
N PRO B 299 -5.71 35.59 7.64
CA PRO B 299 -4.55 36.02 6.83
C PRO B 299 -3.39 36.59 7.66
N GLY B 300 -2.17 36.34 7.21
CA GLY B 300 -0.97 36.85 7.89
C GLY B 300 -0.35 35.90 8.93
N HIS B 301 -1.09 34.87 9.30
CA HIS B 301 -0.72 34.00 10.36
C HIS B 301 0.02 32.82 9.77
N PRO B 302 1.02 32.28 10.50
CA PRO B 302 1.77 31.14 10.00
C PRO B 302 0.87 29.96 9.67
N LEU B 303 1.17 29.26 8.59
CA LEU B 303 0.37 28.12 8.17
C LEU B 303 1.09 26.82 8.47
N GLN B 304 0.31 25.80 8.81
CA GLN B 304 0.83 24.47 9.13
C GLN B 304 1.04 23.72 7.84
N PRO B 305 2.26 23.25 7.55
CA PRO B 305 2.39 22.55 6.29
C PRO B 305 1.71 21.19 6.34
N ASP B 306 1.29 20.69 5.18
CA ASP B 306 0.61 19.41 5.10
C ASP B 306 1.63 18.30 5.19
N PHE B 307 1.16 17.12 5.59
CA PHE B 307 1.96 15.92 5.53
C PHE B 307 2.59 15.70 4.15
N PHE B 308 3.74 15.05 4.17
CA PHE B 308 4.38 14.42 3.00
C PHE B 308 5.13 15.39 2.07
N LEU B 309 5.11 16.68 2.36
CA LEU B 309 5.84 17.68 1.57
C LEU B 309 7.04 18.22 2.34
N ASP B 310 8.19 18.28 1.65
CA ASP B 310 9.42 18.77 2.26
C ASP B 310 9.69 20.20 1.81
N GLU B 311 10.36 20.98 2.65
CA GLU B 311 10.60 22.40 2.36
C GLU B 311 11.86 22.54 1.49
PA NAP C . 5.69 -19.82 -3.58
O1A NAP C . 4.24 -19.51 -3.80
O2A NAP C . 6.14 -21.19 -3.95
O5B NAP C . 6.01 -19.41 -2.06
C5B NAP C . 5.03 -18.76 -1.30
C4B NAP C . 5.23 -19.29 0.09
O4B NAP C . 4.45 -18.55 0.99
C3B NAP C . 4.81 -20.74 0.19
O3B NAP C . 5.72 -21.39 1.05
C2B NAP C . 3.42 -20.67 0.77
O2B NAP C . 3.22 -21.85 1.54
C1B NAP C . 3.49 -19.39 1.60
N9A NAP C . 2.21 -18.70 1.76
C8A NAP C . 1.32 -18.30 0.80
N7A NAP C . 0.27 -17.72 1.41
C5A NAP C . 0.47 -17.74 2.74
C6A NAP C . -0.31 -17.31 3.80
N6A NAP C . -1.49 -16.73 3.57
N1A NAP C . 0.15 -17.48 5.08
C2A NAP C . 1.38 -18.08 5.31
N3A NAP C . 2.15 -18.52 4.26
C4A NAP C . 1.68 -18.35 2.99
O3 NAP C . 6.59 -18.75 -4.39
PN NAP C . 8.16 -18.40 -4.26
O1N NAP C . 8.73 -19.22 -3.17
O2N NAP C . 8.80 -18.50 -5.61
O5D NAP C . 8.02 -16.87 -3.79
C5D NAP C . 8.33 -16.53 -2.45
C4D NAP C . 8.60 -15.04 -2.33
O4D NAP C . 9.54 -14.66 -3.29
C3D NAP C . 7.39 -14.17 -2.58
O3D NAP C . 7.47 -13.08 -1.68
C2D NAP C . 7.53 -13.69 -4.01
O2D NAP C . 6.86 -12.47 -4.31
C1D NAP C . 9.04 -13.58 -4.08
N1N NAP C . 9.53 -13.60 -5.47
C2N NAP C . 9.80 -14.78 -6.14
C3N NAP C . 10.26 -14.70 -7.45
C7N NAP C . 10.52 -15.95 -8.24
O7N NAP C . 11.05 -15.80 -9.54
N7N NAP C . 10.24 -17.14 -7.72
C4N NAP C . 10.43 -13.46 -8.08
C5N NAP C . 10.15 -12.31 -7.39
C6N NAP C . 9.68 -12.39 -6.08
P2B NAP C . 1.76 -22.41 1.90
O1X NAP C . 1.98 -23.67 2.67
O2X NAP C . 1.03 -22.71 0.62
O3X NAP C . 0.97 -21.44 2.72
O5B NAP D . -6.98 -20.53 -5.57
C5B NAP D . -7.98 -19.63 -5.14
C4B NAP D . -8.50 -19.86 -3.70
O4B NAP D . -7.56 -20.50 -2.85
C3B NAP D . -8.87 -18.55 -2.95
O3B NAP D . -10.27 -18.35 -2.97
C2B NAP D . -8.34 -18.68 -1.53
O2B NAP D . -9.30 -19.20 -0.60
C1B NAP D . -7.26 -19.73 -1.67
N9A NAP D . -5.89 -19.15 -1.71
C8A NAP D . -5.12 -19.06 -2.84
N7A NAP D . -3.91 -18.55 -2.51
C5A NAP D . -3.89 -18.29 -1.20
C6A NAP D . -2.89 -17.75 -0.39
N6A NAP D . -1.71 -17.37 -0.91
N1A NAP D . -3.13 -17.60 0.96
C2A NAP D . -4.35 -17.99 1.48
N3A NAP D . -5.34 -18.50 0.67
C4A NAP D . -5.12 -18.65 -0.66
P2B NAP D . -9.80 -18.48 0.75
O1X NAP D . -8.94 -18.92 1.90
O2X NAP D . -11.22 -18.93 1.02
O3X NAP D . -9.80 -16.98 0.62
PA NAP E . -13.29 14.59 7.13
O1A NAP E . -14.17 15.71 7.54
O2A NAP E . -13.12 13.53 8.13
O5B NAP E . -13.75 14.01 5.70
C5B NAP E . -13.86 12.62 5.53
C4B NAP E . -15.13 12.30 4.78
O4B NAP E . -15.05 10.93 4.44
C3B NAP E . -16.38 12.50 5.60
O3B NAP E . -17.35 13.15 4.79
C2B NAP E . -16.80 11.07 5.97
O2B NAP E . -18.20 11.06 5.97
C1B NAP E . -16.19 10.25 4.85
N9A NAP E . -15.85 8.87 5.21
C8A NAP E . -15.09 8.43 6.24
N7A NAP E . -15.09 7.07 6.21
C5A NAP E . -15.83 6.63 5.18
C6A NAP E . -16.19 5.37 4.68
N6A NAP E . -15.76 4.22 5.21
N1A NAP E . -16.97 5.30 3.56
C2A NAP E . -17.42 6.43 2.95
N3A NAP E . -17.10 7.66 3.45
C4A NAP E . -16.31 7.76 4.54
O3 NAP E . -11.86 15.17 6.68
PN NAP E . -11.47 16.25 5.57
O1N NAP E . -12.64 16.84 4.87
O2N NAP E . -10.47 17.17 6.21
O5D NAP E . -10.64 15.34 4.52
C5D NAP E . -11.14 14.70 3.37
C4D NAP E . -9.97 14.25 2.49
O4D NAP E . -9.00 15.31 2.40
C3D NAP E . -9.24 13.02 3.03
O3D NAP E . -8.76 12.18 1.99
C2D NAP E . -8.06 13.63 3.73
O2D NAP E . -6.99 12.72 3.85
C1D NAP E . -7.76 14.81 2.82
N1N NAP E . -6.89 15.77 3.51
C2N NAP E . -7.31 16.61 4.54
C3N NAP E . -6.40 17.46 5.19
C7N NAP E . -6.81 18.62 6.07
O7N NAP E . -5.85 19.55 6.43
N7N NAP E . -8.08 18.81 6.48
C4N NAP E . -5.08 17.44 4.80
C5N NAP E . -4.67 16.58 3.78
C6N NAP E . -5.57 15.74 3.14
P2B NAP E . -19.08 10.04 6.83
O1X NAP E . -20.51 10.42 6.54
O2X NAP E . -18.81 10.15 8.30
O3X NAP E . -18.71 8.68 6.30
O5B NAP F . -14.30 4.99 16.23
C5B NAP F . -13.77 3.73 15.81
C4B NAP F . -14.80 2.71 15.23
O4B NAP F . -15.94 3.27 14.56
C3B NAP F . -14.16 1.76 14.19
O3B NAP F . -13.57 0.60 14.76
C2B NAP F . -15.28 1.47 13.20
O2B NAP F . -16.17 0.46 13.64
C1B NAP F . -16.02 2.80 13.20
N9A NAP F . -15.35 3.73 12.25
C8A NAP F . -14.49 4.75 12.56
N7A NAP F . -14.09 5.39 11.43
C5A NAP F . -14.70 4.79 10.38
C6A NAP F . -14.66 5.05 9.02
N6A NAP F . -13.91 6.05 8.54
N1A NAP F . -15.40 4.28 8.15
C2A NAP F . -16.18 3.26 8.65
N3A NAP F . -16.23 3.00 10.02
C4A NAP F . -15.50 3.76 10.88
P2B NAP F . -16.87 -0.63 12.67
O1X NAP F . -17.76 0.12 11.69
O2X NAP F . -17.70 -1.62 13.46
O3X NAP F . -15.79 -1.38 11.92
#